data_2X7Q
#
_entry.id   2X7Q
#
_cell.length_a   41.411
_cell.length_b   65.724
_cell.length_c   128.203
_cell.angle_alpha   90.00
_cell.angle_beta   90.00
_cell.angle_gamma   90.00
#
_symmetry.space_group_name_H-M   'P 21 21 21'
#
loop_
_entity.id
_entity.type
_entity.pdbx_description
1 polymer 'POSSIBLE THIAMINE BIOSYNTHESIS ENZYME'
2 non-polymer GLYCEROL
3 non-polymer 'CALCIUM ION'
4 water water
#
_entity_poly.entity_id   1
_entity_poly.type   'polypeptide(L)'
_entity_poly.pdbx_seq_one_letter_code
;(MSE)AHHHHHHGHHHQLPTLKVAYIPEHFSTPLFFAQQQGYYKAHDLSIEFVKVPEGSGRLINLLNSNEVDIAIGLTEA
FIADIAKGNENIHVLDTYVKSPLLWAVSTGSNRDDVTDAKQLKRIGVSRIGSGSYV(MSE)SFVLAHQLGVPSFDQFQVL
SNFKNLRDSVNLKDGVEGSDAF(MSE)WEYFTSKKYYDNHEIKQIDQIYTPWSSWVVATSSDSLQAKSDVIKNFIDAVNQ
GIQYYNEHVDEAIEYISSNLDYSAEDAKEWTKTVEFNSRIGKTPLDWDTIVVKTKDTLKLAGVLAESDDVILKRLNSNVK
KTNLQLDGDLEAA
;
_entity_poly.pdbx_strand_id   A
#
loop_
_chem_comp.id
_chem_comp.type
_chem_comp.name
_chem_comp.formula
CA non-polymer 'CALCIUM ION' 'Ca 2'
GOL non-polymer GLYCEROL 'C3 H8 O3'
#
# COMPACT_ATOMS: atom_id res chain seq x y z
N LEU A 14 -24.20 1.49 -15.87
CA LEU A 14 -22.80 1.64 -15.50
C LEU A 14 -21.98 0.44 -15.94
N PRO A 15 -20.90 0.69 -16.69
CA PRO A 15 -20.02 -0.37 -17.20
C PRO A 15 -19.38 -1.17 -16.07
N THR A 16 -19.07 -2.43 -16.32
CA THR A 16 -18.42 -3.30 -15.34
C THR A 16 -17.09 -2.71 -14.91
N LEU A 17 -16.68 -3.01 -13.69
CA LEU A 17 -15.47 -2.43 -13.13
C LEU A 17 -14.59 -3.50 -12.49
N LYS A 18 -13.40 -3.70 -13.05
CA LYS A 18 -12.44 -4.66 -12.51
C LYS A 18 -11.52 -3.97 -11.50
N VAL A 19 -11.66 -4.32 -10.23
CA VAL A 19 -10.89 -3.68 -9.17
C VAL A 19 -9.82 -4.60 -8.59
N ALA A 20 -8.56 -4.18 -8.72
CA ALA A 20 -7.44 -4.94 -8.18
C ALA A 20 -7.14 -4.50 -6.75
N TYR A 21 -7.05 -5.48 -5.84
CA TYR A 21 -6.78 -5.20 -4.43
C TYR A 21 -5.76 -6.17 -3.86
N ILE A 22 -5.22 -5.82 -2.69
CA ILE A 22 -4.28 -6.68 -2.01
C ILE A 22 -4.94 -7.32 -0.78
N PRO A 23 -4.96 -8.66 -0.74
CA PRO A 23 -5.64 -9.40 0.34
C PRO A 23 -4.96 -9.24 1.69
N GLU A 24 -5.19 -8.11 2.35
CA GLU A 24 -4.67 -7.88 3.68
C GLU A 24 -5.76 -7.32 4.59
N HIS A 25 -5.40 -7.00 5.82
CA HIS A 25 -6.35 -6.44 6.78
C HIS A 25 -6.95 -5.13 6.26
N PHE A 26 -6.17 -4.39 5.47
CA PHE A 26 -6.62 -3.10 4.96
C PHE A 26 -7.79 -3.22 4.00
N SER A 27 -7.93 -4.39 3.38
CA SER A 27 -8.97 -4.60 2.38
C SER A 27 -10.32 -4.92 3.02
N THR A 28 -10.35 -4.92 4.35
CA THR A 28 -11.57 -5.26 5.09
C THR A 28 -12.80 -4.45 4.64
N PRO A 29 -12.69 -3.12 4.60
CA PRO A 29 -13.83 -2.29 4.19
C PRO A 29 -14.37 -2.69 2.82
N LEU A 30 -13.48 -3.06 1.90
CA LEU A 30 -13.88 -3.49 0.57
C LEU A 30 -14.80 -4.71 0.65
N PHE A 31 -14.45 -5.65 1.54
CA PHE A 31 -15.23 -6.86 1.69
C PHE A 31 -16.64 -6.59 2.19
N PHE A 32 -16.75 -5.83 3.28
CA PHE A 32 -18.05 -5.53 3.88
C PHE A 32 -18.96 -4.77 2.92
N ALA A 33 -18.37 -3.95 2.06
CA ALA A 33 -19.14 -3.24 1.04
C ALA A 33 -19.85 -4.23 0.13
N GLN A 34 -19.19 -5.36 -0.14
CA GLN A 34 -19.77 -6.40 -0.98
C GLN A 34 -20.75 -7.26 -0.17
N GLN A 35 -20.38 -7.56 1.07
CA GLN A 35 -21.23 -8.35 1.96
C GLN A 35 -22.57 -7.68 2.18
N GLN A 36 -22.55 -6.37 2.38
CA GLN A 36 -23.77 -5.61 2.64
C GLN A 36 -24.44 -5.16 1.34
N GLY A 37 -23.85 -5.55 0.21
CA GLY A 37 -24.41 -5.27 -1.09
C GLY A 37 -24.43 -3.79 -1.44
N TYR A 38 -23.46 -3.05 -0.95
CA TYR A 38 -23.38 -1.62 -1.25
C TYR A 38 -23.06 -1.37 -2.72
N TYR A 39 -22.27 -2.25 -3.33
CA TYR A 39 -21.90 -2.11 -4.72
C TYR A 39 -23.13 -2.21 -5.63
N LYS A 40 -23.92 -3.26 -5.45
CA LYS A 40 -25.13 -3.45 -6.23
C LYS A 40 -26.13 -2.32 -6.00
N ALA A 41 -26.16 -1.80 -4.78
CA ALA A 41 -27.05 -0.70 -4.41
C ALA A 41 -26.75 0.54 -5.25
N HIS A 42 -25.49 0.66 -5.67
CA HIS A 42 -25.07 1.79 -6.49
C HIS A 42 -25.10 1.44 -7.97
N ASP A 43 -25.84 0.39 -8.31
CA ASP A 43 -25.99 -0.04 -9.71
C ASP A 43 -24.63 -0.41 -10.31
N LEU A 44 -23.78 -1.05 -9.50
CA LEU A 44 -22.43 -1.39 -9.93
C LEU A 44 -22.26 -2.90 -10.08
N SER A 45 -21.38 -3.31 -10.98
CA SER A 45 -20.99 -4.72 -11.12
C SER A 45 -19.47 -4.82 -11.01
N ILE A 46 -19.00 -5.15 -9.81
CA ILE A 46 -17.58 -5.13 -9.53
C ILE A 46 -16.95 -6.52 -9.58
N GLU A 47 -15.92 -6.67 -10.40
CA GLU A 47 -15.15 -7.90 -10.44
C GLU A 47 -13.80 -7.69 -9.75
N PHE A 48 -13.68 -8.18 -8.52
CA PHE A 48 -12.46 -8.01 -7.75
C PHE A 48 -11.35 -8.94 -8.21
N VAL A 49 -10.14 -8.39 -8.33
CA VAL A 49 -8.97 -9.15 -8.72
C VAL A 49 -7.94 -9.15 -7.59
N LYS A 50 -7.76 -10.30 -6.95
CA LYS A 50 -6.83 -10.42 -5.85
C LYS A 50 -5.37 -10.39 -6.33
N VAL A 51 -4.57 -9.53 -5.70
CA VAL A 51 -3.15 -9.40 -6.03
C VAL A 51 -2.31 -9.55 -4.77
N PRO A 52 -1.94 -10.79 -4.41
CA PRO A 52 -1.16 -11.11 -3.21
C PRO A 52 0.24 -10.52 -3.17
N GLU A 53 0.79 -10.08 -4.30
CA GLU A 53 2.19 -9.65 -4.35
C GLU A 53 2.40 -8.14 -4.43
N GLY A 54 1.42 -7.37 -3.96
CA GLY A 54 1.60 -5.94 -3.78
C GLY A 54 1.29 -5.01 -4.93
N SER A 55 1.61 -3.73 -4.73
CA SER A 55 1.26 -2.66 -5.66
C SER A 55 2.02 -2.75 -6.98
N GLY A 56 3.17 -3.40 -6.96
CA GLY A 56 3.99 -3.56 -8.14
C GLY A 56 3.18 -4.12 -9.30
N ARG A 57 2.38 -5.15 -9.03
CA ARG A 57 1.56 -5.77 -10.05
C ARG A 57 0.32 -4.94 -10.33
N LEU A 58 -0.14 -4.23 -9.30
CA LEU A 58 -1.28 -3.34 -9.44
C LEU A 58 -1.06 -2.32 -10.55
N ILE A 59 0.11 -1.70 -10.57
CA ILE A 59 0.45 -0.72 -11.59
C ILE A 59 0.53 -1.38 -12.97
N ASN A 60 1.10 -2.58 -13.02
CA ASN A 60 1.20 -3.34 -14.26
C ASN A 60 -0.19 -3.65 -14.83
N LEU A 61 -1.12 -4.01 -13.95
CA LEU A 61 -2.48 -4.33 -14.34
C LEU A 61 -3.19 -3.09 -14.89
N LEU A 62 -2.90 -1.93 -14.31
CA LEU A 62 -3.46 -0.68 -14.79
C LEU A 62 -2.89 -0.32 -16.15
N ASN A 63 -1.59 -0.61 -16.34
CA ASN A 63 -0.92 -0.32 -17.60
C ASN A 63 -1.41 -1.19 -18.74
N SER A 64 -1.77 -2.43 -18.45
CA SER A 64 -2.25 -3.36 -19.46
C SER A 64 -3.76 -3.33 -19.59
N ASN A 65 -4.40 -2.47 -18.79
CA ASN A 65 -5.86 -2.34 -18.80
C ASN A 65 -6.60 -3.60 -18.36
N GLU A 66 -5.90 -4.48 -17.65
CA GLU A 66 -6.52 -5.69 -17.13
C GLU A 66 -7.51 -5.33 -16.03
N VAL A 67 -7.26 -4.21 -15.35
CA VAL A 67 -8.14 -3.72 -14.31
C VAL A 67 -8.37 -2.22 -14.47
N ASP A 68 -9.49 -1.74 -13.93
CA ASP A 68 -9.86 -0.34 -14.03
C ASP A 68 -9.38 0.47 -12.83
N ILE A 69 -9.41 -0.17 -11.66
CA ILE A 69 -9.02 0.49 -10.41
C ILE A 69 -8.06 -0.37 -9.59
N ALA A 70 -7.15 0.28 -8.88
CA ALA A 70 -6.20 -0.42 -8.02
C ALA A 70 -6.10 0.26 -6.65
N ILE A 71 -6.17 -0.54 -5.59
CA ILE A 71 -6.02 -0.02 -4.23
C ILE A 71 -4.66 -0.46 -3.68
N GLY A 72 -3.68 0.44 -3.70
CA GLY A 72 -2.34 0.09 -3.29
C GLY A 72 -1.64 1.16 -2.46
N LEU A 73 -0.36 0.93 -2.16
CA LEU A 73 0.40 1.87 -1.34
C LEU A 73 0.63 3.20 -2.04
N THR A 74 0.60 4.28 -1.26
CA THR A 74 0.73 5.63 -1.80
C THR A 74 2.03 5.85 -2.56
N GLU A 75 3.16 5.55 -1.92
CA GLU A 75 4.46 5.83 -2.52
C GLU A 75 4.65 5.12 -3.86
N ALA A 76 4.03 3.95 -4.00
CA ALA A 76 4.13 3.17 -5.23
C ALA A 76 3.60 3.95 -6.42
N PHE A 77 2.43 4.56 -6.25
CA PHE A 77 1.78 5.31 -7.33
C PHE A 77 2.43 6.68 -7.53
N ILE A 78 2.73 7.36 -6.43
CA ILE A 78 3.36 8.67 -6.50
C ILE A 78 4.70 8.61 -7.21
N ALA A 79 5.53 7.63 -6.85
CA ALA A 79 6.84 7.47 -7.48
C ALA A 79 6.71 7.12 -8.95
N ASP A 80 5.80 6.21 -9.26
CA ASP A 80 5.58 5.79 -10.65
C ASP A 80 5.19 6.97 -11.53
N ILE A 81 4.34 7.84 -10.99
CA ILE A 81 3.91 9.04 -11.70
C ILE A 81 5.06 10.04 -11.83
N ALA A 82 5.79 10.23 -10.75
CA ALA A 82 6.94 11.13 -10.73
C ALA A 82 8.04 10.66 -11.69
N LYS A 83 8.03 9.37 -12.01
CA LYS A 83 9.02 8.79 -12.89
C LYS A 83 8.61 8.87 -14.36
N GLY A 84 7.40 9.37 -14.61
CA GLY A 84 6.96 9.62 -15.97
C GLY A 84 5.81 8.77 -16.47
N ASN A 85 5.03 8.19 -15.56
CA ASN A 85 3.84 7.46 -15.97
C ASN A 85 2.61 8.35 -15.94
N GLU A 86 2.35 9.03 -17.05
CA GLU A 86 1.27 10.00 -17.14
C GLU A 86 -0.09 9.34 -17.33
N ASN A 87 -0.10 8.01 -17.33
CA ASN A 87 -1.34 7.26 -17.49
C ASN A 87 -1.84 6.66 -16.18
N ILE A 88 -1.24 7.10 -15.08
CA ILE A 88 -1.68 6.69 -13.74
C ILE A 88 -2.25 7.88 -12.99
N HIS A 89 -3.45 7.71 -12.43
CA HIS A 89 -4.11 8.78 -11.72
C HIS A 89 -4.47 8.39 -10.28
N VAL A 90 -4.04 9.21 -9.33
CA VAL A 90 -4.41 9.02 -7.93
C VAL A 90 -5.69 9.79 -7.64
N LEU A 91 -6.78 9.07 -7.43
CA LEU A 91 -8.10 9.67 -7.28
C LEU A 91 -8.38 10.17 -5.87
N ASP A 92 -8.13 9.33 -4.87
CA ASP A 92 -8.44 9.68 -3.49
C ASP A 92 -7.64 8.83 -2.51
N THR A 93 -7.75 9.14 -1.23
CA THR A 93 -7.06 8.40 -0.17
C THR A 93 -7.95 7.31 0.41
N TYR A 94 -7.41 6.10 0.50
CA TYR A 94 -8.15 4.97 1.05
C TYR A 94 -7.87 4.81 2.54
N VAL A 95 -6.60 4.93 2.92
CA VAL A 95 -6.20 4.86 4.32
C VAL A 95 -5.45 6.13 4.73
N LYS A 96 -5.96 6.78 5.77
CA LYS A 96 -5.40 8.06 6.21
C LYS A 96 -4.17 7.86 7.11
N SER A 97 -4.24 6.86 7.99
CA SER A 97 -3.15 6.59 8.93
C SER A 97 -1.91 6.08 8.19
N PRO A 98 -0.72 6.33 8.77
CA PRO A 98 0.54 5.91 8.16
C PRO A 98 0.80 4.41 8.31
N LEU A 99 1.57 3.83 7.39
CA LEU A 99 1.89 2.41 7.44
C LEU A 99 3.08 2.15 8.36
N LEU A 100 2.98 1.14 9.21
CA LEU A 100 4.07 0.78 10.12
C LEU A 100 4.92 -0.35 9.57
N TRP A 101 6.13 0.00 9.12
CA TRP A 101 7.06 -0.98 8.58
C TRP A 101 7.95 -1.56 9.67
N ALA A 102 8.12 -2.88 9.65
CA ALA A 102 8.96 -3.55 10.63
C ALA A 102 10.20 -4.14 9.96
N VAL A 103 11.36 -3.88 10.56
CA VAL A 103 12.62 -4.40 10.05
C VAL A 103 12.95 -5.73 10.73
N SER A 104 13.11 -6.78 9.93
CA SER A 104 13.32 -8.12 10.49
C SER A 104 14.66 -8.72 10.07
N THR A 105 15.14 -9.67 10.86
CA THR A 105 16.34 -10.42 10.53
C THR A 105 16.17 -11.85 11.02
N GLY A 106 17.19 -12.69 10.76
CA GLY A 106 17.15 -14.08 11.17
C GLY A 106 16.94 -14.25 12.66
N SER A 107 16.55 -15.46 13.07
CA SER A 107 16.31 -15.76 14.47
C SER A 107 17.62 -15.75 15.26
N ASN A 108 18.68 -16.29 14.65
CA ASN A 108 19.99 -16.34 15.28
C ASN A 108 21.06 -15.68 14.42
N ARG A 109 21.15 -14.34 14.51
CA ARG A 109 22.13 -13.59 13.74
C ARG A 109 22.98 -12.70 14.63
N ASP A 110 24.14 -13.21 15.04
CA ASP A 110 25.05 -12.44 15.89
C ASP A 110 25.60 -11.21 15.16
N ASP A 111 25.57 -11.27 13.83
CA ASP A 111 26.13 -10.20 13.01
C ASP A 111 25.15 -9.05 12.78
N VAL A 112 23.87 -9.29 13.08
CA VAL A 112 22.84 -8.28 12.87
C VAL A 112 21.98 -8.07 14.11
N THR A 113 22.20 -6.98 14.81
CA THR A 113 21.42 -6.63 16.01
C THR A 113 20.84 -5.22 15.91
N ASP A 114 21.56 -4.35 15.22
CA ASP A 114 21.12 -2.96 15.02
C ASP A 114 20.90 -2.65 13.55
N ALA A 115 20.00 -1.71 13.28
CA ALA A 115 19.64 -1.36 11.91
C ALA A 115 20.82 -0.78 11.12
N LYS A 116 21.75 -0.14 11.82
CA LYS A 116 22.89 0.48 11.17
C LYS A 116 23.91 -0.55 10.67
N GLN A 117 23.75 -1.80 11.08
CA GLN A 117 24.65 -2.88 10.67
C GLN A 117 24.22 -3.50 9.35
N LEU A 118 23.12 -3.02 8.79
CA LEU A 118 22.57 -3.62 7.58
C LEU A 118 23.37 -3.29 6.32
N LYS A 119 23.60 -4.30 5.49
CA LYS A 119 24.28 -4.12 4.22
C LYS A 119 23.48 -4.78 3.09
N ARG A 120 23.19 -6.06 3.27
CA ARG A 120 22.38 -6.80 2.30
C ARG A 120 20.90 -6.68 2.65
N ILE A 121 20.14 -6.04 1.77
CA ILE A 121 18.72 -5.82 1.99
C ILE A 121 17.85 -6.69 1.10
N GLY A 122 17.05 -7.55 1.71
CA GLY A 122 16.14 -8.40 0.97
C GLY A 122 14.83 -7.69 0.66
N VAL A 123 14.43 -7.74 -0.60
CA VAL A 123 13.18 -7.10 -1.03
C VAL A 123 12.36 -8.05 -1.89
N SER A 124 11.04 -7.91 -1.84
CA SER A 124 10.17 -8.70 -2.70
C SER A 124 10.50 -8.40 -4.15
N ARG A 125 10.51 -7.13 -4.50
CA ARG A 125 10.83 -6.69 -5.86
CA ARG A 125 10.84 -6.70 -5.85
C ARG A 125 11.44 -5.30 -5.83
N ILE A 126 12.17 -4.95 -6.89
CA ILE A 126 12.76 -3.62 -6.99
C ILE A 126 11.65 -2.60 -7.21
N GLY A 127 11.65 -1.55 -6.39
CA GLY A 127 10.65 -0.49 -6.50
C GLY A 127 9.46 -0.68 -5.58
N SER A 128 9.43 -1.80 -4.87
CA SER A 128 8.35 -2.08 -3.94
C SER A 128 8.48 -1.26 -2.67
N GLY A 129 7.53 -1.41 -1.76
CA GLY A 129 7.57 -0.72 -0.49
C GLY A 129 8.78 -1.15 0.32
N SER A 130 9.05 -2.45 0.33
CA SER A 130 10.18 -2.99 1.07
C SER A 130 11.51 -2.43 0.53
N TYR A 131 11.50 -2.06 -0.74
CA TYR A 131 12.69 -1.50 -1.38
C TYR A 131 12.78 0.00 -1.11
N VAL A 132 11.70 0.72 -1.40
CA VAL A 132 11.67 2.17 -1.22
C VAL A 132 11.93 2.58 0.24
N MSE A 133 11.27 1.90 1.17
CA MSE A 133 11.37 2.22 2.58
C MSE A 133 12.77 1.99 3.13
O MSE A 133 13.12 2.55 4.18
CB MSE A 133 10.35 1.43 3.39
CG MSE A 133 8.91 1.87 3.19
SE MSE A 133 8.66 3.76 3.61
CE MSE A 133 9.27 3.74 5.44
N SER A 134 13.56 1.16 2.46
CA SER A 134 14.93 0.91 2.91
C SER A 134 15.75 2.18 2.78
N PHE A 135 15.46 2.97 1.75
CA PHE A 135 16.13 4.25 1.54
C PHE A 135 15.69 5.26 2.61
N VAL A 136 14.38 5.33 2.85
CA VAL A 136 13.85 6.23 3.87
C VAL A 136 14.45 5.92 5.24
N LEU A 137 14.53 4.64 5.56
CA LEU A 137 15.12 4.20 6.82
C LEU A 137 16.59 4.59 6.92
N ALA A 138 17.33 4.34 5.83
CA ALA A 138 18.74 4.69 5.78
C ALA A 138 18.98 6.18 6.06
N HIS A 139 18.14 7.04 5.49
CA HIS A 139 18.28 8.48 5.68
C HIS A 139 18.03 8.89 7.13
N GLN A 140 17.05 8.26 7.77
CA GLN A 140 16.74 8.57 9.17
CA GLN A 140 16.73 8.56 9.16
C GLN A 140 17.81 8.04 10.11
N LEU A 141 18.48 6.97 9.69
CA LEU A 141 19.54 6.37 10.50
C LEU A 141 20.83 7.17 10.43
N GLY A 142 20.97 7.98 9.39
CA GLY A 142 22.15 8.81 9.21
C GLY A 142 23.23 8.09 8.42
N VAL A 143 22.89 6.90 7.92
CA VAL A 143 23.83 6.11 7.13
C VAL A 143 23.50 6.25 5.65
N PRO A 144 24.50 5.99 4.78
CA PRO A 144 24.27 6.05 3.34
C PRO A 144 23.28 4.97 2.89
N SER A 145 22.51 5.24 1.85
CA SER A 145 21.54 4.29 1.33
C SER A 145 22.19 2.96 0.97
N PHE A 146 21.43 1.88 1.10
CA PHE A 146 21.94 0.55 0.81
C PHE A 146 22.05 0.30 -0.69
N ASP A 147 23.01 -0.53 -1.10
CA ASP A 147 23.23 -0.82 -2.50
C ASP A 147 23.26 -2.32 -2.80
N GLN A 148 23.13 -3.13 -1.76
CA GLN A 148 23.05 -4.57 -1.93
C GLN A 148 21.61 -5.04 -1.72
N PHE A 149 20.96 -5.49 -2.80
CA PHE A 149 19.57 -5.91 -2.73
C PHE A 149 19.37 -7.33 -3.24
N GLN A 150 18.59 -8.11 -2.51
CA GLN A 150 18.29 -9.49 -2.90
CA GLN A 150 18.29 -9.49 -2.89
C GLN A 150 16.82 -9.64 -3.26
N VAL A 151 16.54 -9.74 -4.56
CA VAL A 151 15.18 -9.91 -5.04
C VAL A 151 14.68 -11.31 -4.71
N LEU A 152 13.75 -11.40 -3.77
CA LEU A 152 13.30 -12.69 -3.25
C LEU A 152 11.83 -13.00 -3.57
N SER A 153 11.15 -12.03 -4.18
CA SER A 153 9.79 -12.23 -4.69
C SER A 153 8.70 -12.24 -3.62
N ASN A 154 8.77 -13.20 -2.69
CA ASN A 154 7.70 -13.37 -1.72
C ASN A 154 8.14 -13.25 -0.25
N PHE A 155 7.15 -13.23 0.64
CA PHE A 155 7.37 -13.01 2.07
C PHE A 155 8.16 -14.15 2.72
N LYS A 156 7.85 -15.39 2.34
CA LYS A 156 8.53 -16.55 2.91
C LYS A 156 10.00 -16.56 2.55
N ASN A 157 10.30 -16.34 1.27
CA ASN A 157 11.68 -16.28 0.80
C ASN A 157 12.48 -15.22 1.57
N LEU A 158 11.82 -14.12 1.93
CA LEU A 158 12.45 -13.07 2.70
C LEU A 158 12.83 -13.55 4.09
N ARG A 159 11.96 -14.35 4.70
CA ARG A 159 12.23 -14.90 6.02
C ARG A 159 13.34 -15.95 5.97
N ASP A 160 13.29 -16.80 4.95
CA ASP A 160 14.31 -17.82 4.76
C ASP A 160 15.67 -17.19 4.47
N SER A 161 15.65 -16.09 3.74
CA SER A 161 16.89 -15.39 3.37
C SER A 161 17.63 -14.85 4.59
N VAL A 162 16.93 -14.13 5.44
CA VAL A 162 17.54 -13.56 6.63
C VAL A 162 17.96 -14.65 7.62
N ASN A 163 17.40 -15.85 7.43
CA ASN A 163 17.79 -16.99 8.24
C ASN A 163 18.88 -17.80 7.55
N LEU A 164 19.36 -17.29 6.42
CA LEU A 164 20.43 -17.93 5.67
C LEU A 164 20.11 -19.38 5.35
N LYS A 165 18.88 -19.62 4.90
CA LYS A 165 18.44 -20.96 4.53
C LYS A 165 18.95 -21.33 3.16
N ASP A 166 19.03 -22.63 2.88
CA ASP A 166 19.45 -23.11 1.57
C ASP A 166 18.36 -22.88 0.53
N GLY A 167 18.77 -22.67 -0.72
CA GLY A 167 17.83 -22.48 -1.81
C GLY A 167 17.62 -21.03 -2.19
N VAL A 168 18.00 -20.12 -1.29
CA VAL A 168 17.85 -18.69 -1.55
C VAL A 168 19.10 -17.90 -1.14
N GLU A 169 19.28 -16.74 -1.74
CA GLU A 169 20.39 -15.86 -1.39
C GLU A 169 20.19 -15.28 0.01
N GLY A 170 21.29 -15.07 0.72
CA GLY A 170 21.24 -14.56 2.07
C GLY A 170 21.04 -13.06 2.15
N SER A 171 20.46 -12.60 3.25
CA SER A 171 20.25 -11.17 3.47
C SER A 171 20.45 -10.84 4.94
N ASP A 172 20.72 -9.56 5.23
CA ASP A 172 20.89 -9.11 6.60
C ASP A 172 19.55 -8.74 7.23
N ALA A 173 18.65 -8.19 6.42
CA ALA A 173 17.34 -7.78 6.89
C ALA A 173 16.39 -7.43 5.75
N PHE A 174 15.10 -7.43 6.06
CA PHE A 174 14.07 -7.02 5.10
C PHE A 174 12.99 -6.23 5.84
N MSE A 175 12.17 -5.51 5.09
CA MSE A 175 11.12 -4.70 5.71
C MSE A 175 9.73 -5.16 5.25
O MSE A 175 9.50 -5.37 4.06
CB MSE A 175 11.33 -3.22 5.38
CG MSE A 175 12.68 -2.68 5.82
SE MSE A 175 12.94 -0.81 5.39
CE MSE A 175 11.40 -0.08 6.31
N TRP A 176 8.82 -5.30 6.21
CA TRP A 176 7.48 -5.77 5.91
C TRP A 176 6.49 -5.20 6.91
N GLU A 177 5.22 -5.12 6.52
CA GLU A 177 4.20 -4.57 7.40
C GLU A 177 4.23 -5.27 8.76
N TYR A 178 4.18 -4.49 9.83
CA TYR A 178 4.36 -5.00 11.18
C TYR A 178 3.41 -6.14 11.54
N PHE A 179 2.11 -5.87 11.56
CA PHE A 179 1.13 -6.86 12.00
C PHE A 179 1.14 -8.12 11.14
N THR A 180 1.66 -8.00 9.93
CA THR A 180 1.78 -9.16 9.04
C THR A 180 3.00 -9.99 9.43
N SER A 181 3.98 -9.33 10.02
CA SER A 181 5.23 -9.98 10.44
C SER A 181 5.16 -10.42 11.90
N LYS A 182 4.20 -9.88 12.64
CA LYS A 182 4.10 -10.13 14.07
C LYS A 182 3.99 -11.62 14.38
N LYS A 183 3.23 -12.34 13.56
CA LYS A 183 3.08 -13.78 13.75
C LYS A 183 4.43 -14.49 13.82
N TYR A 184 5.38 -14.05 13.00
CA TYR A 184 6.67 -14.71 12.90
C TYR A 184 7.67 -14.20 13.92
N TYR A 185 7.32 -13.14 14.63
CA TYR A 185 8.12 -12.70 15.76
C TYR A 185 7.77 -13.55 16.98
N ASP A 186 6.48 -13.87 17.12
CA ASP A 186 5.99 -14.62 18.27
C ASP A 186 6.42 -16.08 18.25
N ASN A 187 6.49 -16.67 17.06
CA ASN A 187 6.98 -18.05 16.94
C ASN A 187 8.50 -18.08 16.78
N HIS A 188 9.11 -16.91 16.88
CA HIS A 188 10.56 -16.78 16.90
C HIS A 188 11.26 -17.26 15.63
N GLU A 189 10.56 -17.22 14.50
CA GLU A 189 11.16 -17.55 13.22
C GLU A 189 12.06 -16.41 12.77
N ILE A 190 11.58 -15.19 12.95
CA ILE A 190 12.38 -14.00 12.66
C ILE A 190 12.51 -13.12 13.89
N LYS A 191 13.18 -11.99 13.74
CA LYS A 191 13.51 -11.13 14.88
C LYS A 191 13.50 -9.65 14.49
N GLN A 192 12.69 -8.87 15.18
CA GLN A 192 12.58 -7.45 14.91
C GLN A 192 13.76 -6.67 15.47
N ILE A 193 14.30 -5.76 14.67
CA ILE A 193 15.42 -4.94 15.10
C ILE A 193 15.10 -3.45 15.01
N ASP A 194 13.99 -3.12 14.35
CA ASP A 194 13.59 -1.73 14.18
C ASP A 194 12.21 -1.60 13.54
N GLN A 195 11.61 -0.43 13.67
CA GLN A 195 10.33 -0.11 13.04
C GLN A 195 10.41 1.27 12.41
N ILE A 196 9.43 1.62 11.59
CA ILE A 196 9.39 2.93 10.96
C ILE A 196 8.07 3.23 10.26
N TYR A 197 7.44 4.34 10.62
CA TYR A 197 6.19 4.75 10.03
C TYR A 197 6.41 5.47 8.71
N THR A 198 5.42 5.44 7.84
CA THR A 198 5.43 6.23 6.62
C THR A 198 5.00 7.65 6.96
N PRO A 199 5.78 8.65 6.53
CA PRO A 199 5.43 10.05 6.80
C PRO A 199 4.11 10.44 6.16
N TRP A 200 3.62 9.59 5.25
CA TRP A 200 2.43 9.91 4.47
C TRP A 200 1.29 8.92 4.73
N SER A 201 0.09 9.27 4.29
CA SER A 201 -1.03 8.34 4.32
C SER A 201 -0.67 7.12 3.48
N SER A 202 -1.04 5.94 3.95
CA SER A 202 -0.51 4.69 3.39
C SER A 202 -1.19 4.18 2.12
N TRP A 203 -2.50 4.39 1.99
CA TRP A 203 -3.23 3.81 0.88
C TRP A 203 -4.02 4.83 0.06
N VAL A 204 -4.08 4.61 -1.25
CA VAL A 204 -4.81 5.50 -2.16
C VAL A 204 -5.55 4.68 -3.21
N VAL A 205 -6.53 5.31 -3.84
CA VAL A 205 -7.27 4.67 -4.93
C VAL A 205 -6.77 5.22 -6.26
N ALA A 206 -6.27 4.34 -7.12
CA ALA A 206 -5.71 4.77 -8.40
C ALA A 206 -6.44 4.17 -9.59
N THR A 207 -6.31 4.81 -10.74
CA THR A 207 -6.92 4.35 -11.98
C THR A 207 -6.04 4.70 -13.17
N SER A 208 -6.44 4.26 -14.35
CA SER A 208 -5.69 4.56 -15.57
C SER A 208 -6.36 5.68 -16.35
N SER A 209 -5.65 6.24 -17.31
CA SER A 209 -6.19 7.31 -18.15
C SER A 209 -7.37 6.78 -18.97
N ASP A 210 -7.28 5.52 -19.37
CA ASP A 210 -8.35 4.89 -20.14
C ASP A 210 -9.65 4.84 -19.33
N SER A 211 -9.60 4.20 -18.17
CA SER A 211 -10.76 4.03 -17.32
C SER A 211 -11.33 5.34 -16.82
N LEU A 212 -10.47 6.32 -16.58
CA LEU A 212 -10.91 7.60 -16.03
C LEU A 212 -11.80 8.38 -16.98
N GLN A 213 -11.55 8.25 -18.28
CA GLN A 213 -12.32 8.97 -19.29
C GLN A 213 -13.44 8.12 -19.87
N ALA A 214 -13.35 6.81 -19.64
CA ALA A 214 -14.33 5.88 -20.19
C ALA A 214 -15.35 5.44 -19.16
N LYS A 215 -14.92 5.37 -17.90
CA LYS A 215 -15.76 4.87 -16.82
C LYS A 215 -15.73 5.79 -15.60
N SER A 216 -15.88 7.10 -15.84
CA SER A 216 -15.81 8.07 -14.75
C SER A 216 -16.98 7.97 -13.78
N ASP A 217 -18.20 7.91 -14.32
CA ASP A 217 -19.40 7.88 -13.48
C ASP A 217 -19.45 6.66 -12.56
N VAL A 218 -19.00 5.51 -13.07
CA VAL A 218 -19.00 4.29 -12.29
C VAL A 218 -17.93 4.31 -11.20
N ILE A 219 -16.77 4.88 -11.52
CA ILE A 219 -15.70 5.01 -10.53
C ILE A 219 -16.17 5.82 -9.32
N LYS A 220 -16.93 6.88 -9.58
CA LYS A 220 -17.47 7.71 -8.51
C LYS A 220 -18.36 6.90 -7.57
N ASN A 221 -19.30 6.16 -8.15
CA ASN A 221 -20.20 5.30 -7.39
C ASN A 221 -19.43 4.25 -6.59
N PHE A 222 -18.36 3.73 -7.17
CA PHE A 222 -17.50 2.76 -6.48
C PHE A 222 -16.90 3.38 -5.23
N ILE A 223 -16.38 4.60 -5.36
CA ILE A 223 -15.80 5.31 -4.23
C ILE A 223 -16.85 5.56 -3.16
N ASP A 224 -18.05 5.94 -3.58
CA ASP A 224 -19.15 6.16 -2.64
C ASP A 224 -19.50 4.86 -1.91
N ALA A 225 -19.44 3.75 -2.63
CA ALA A 225 -19.72 2.44 -2.04
C ALA A 225 -18.64 2.09 -1.02
N VAL A 226 -17.40 2.41 -1.35
CA VAL A 226 -16.28 2.19 -0.44
C VAL A 226 -16.45 3.05 0.82
N ASN A 227 -16.99 4.25 0.65
CA ASN A 227 -17.24 5.13 1.78
C ASN A 227 -18.20 4.51 2.78
N GLN A 228 -19.22 3.84 2.27
CA GLN A 228 -20.19 3.14 3.10
C GLN A 228 -19.56 1.89 3.70
N GLY A 229 -18.69 1.24 2.94
CA GLY A 229 -17.98 0.06 3.42
C GLY A 229 -17.07 0.41 4.57
N ILE A 230 -16.49 1.60 4.51
CA ILE A 230 -15.63 2.09 5.58
C ILE A 230 -16.43 2.41 6.84
N GLN A 231 -17.59 3.03 6.66
CA GLN A 231 -18.45 3.37 7.78
C GLN A 231 -18.93 2.11 8.50
N TYR A 232 -19.32 1.10 7.72
CA TYR A 232 -19.75 -0.17 8.29
C TYR A 232 -18.64 -0.77 9.13
N TYR A 233 -17.44 -0.83 8.56
CA TYR A 233 -16.28 -1.33 9.27
C TYR A 233 -16.11 -0.61 10.60
N ASN A 234 -16.15 0.73 10.56
CA ASN A 234 -16.01 1.55 11.75
C ASN A 234 -17.04 1.23 12.83
N GLU A 235 -18.23 0.82 12.40
CA GLU A 235 -19.32 0.54 13.33
C GLU A 235 -19.41 -0.94 13.68
N HIS A 236 -18.57 -1.75 13.07
CA HIS A 236 -18.60 -3.20 13.28
C HIS A 236 -17.20 -3.79 13.33
N VAL A 237 -16.33 -3.22 14.16
CA VAL A 237 -14.97 -3.72 14.33
C VAL A 237 -14.99 -5.18 14.80
N ASP A 238 -16.00 -5.52 15.61
CA ASP A 238 -16.16 -6.88 16.09
C ASP A 238 -16.16 -7.90 14.95
N GLU A 239 -16.98 -7.63 13.93
CA GLU A 239 -17.08 -8.52 12.78
C GLU A 239 -15.80 -8.45 11.95
N ALA A 240 -15.21 -7.28 11.89
CA ALA A 240 -13.96 -7.07 11.16
C ALA A 240 -12.85 -7.96 11.72
N ILE A 241 -12.75 -7.99 13.04
CA ILE A 241 -11.75 -8.83 13.70
C ILE A 241 -11.95 -10.29 13.37
N GLU A 242 -13.20 -10.75 13.37
CA GLU A 242 -13.53 -12.13 13.06
CA GLU A 242 -13.51 -12.14 13.07
C GLU A 242 -13.18 -12.46 11.61
N TYR A 243 -13.58 -11.57 10.70
CA TYR A 243 -13.34 -11.76 9.28
C TYR A 243 -11.84 -11.86 8.97
N ILE A 244 -11.07 -10.92 9.50
CA ILE A 244 -9.63 -10.87 9.24
C ILE A 244 -8.91 -12.11 9.76
N SER A 245 -9.25 -12.52 10.98
CA SER A 245 -8.57 -13.63 11.62
C SER A 245 -9.00 -15.00 11.07
N SER A 246 -10.15 -15.04 10.42
CA SER A 246 -10.68 -16.31 9.91
C SER A 246 -10.42 -16.49 8.41
N ASN A 247 -10.03 -15.41 7.73
CA ASN A 247 -9.78 -15.46 6.30
C ASN A 247 -8.36 -15.04 5.91
N LEU A 248 -7.69 -14.31 6.79
CA LEU A 248 -6.34 -13.83 6.52
C LEU A 248 -5.36 -14.32 7.59
N ASP A 249 -4.07 -14.21 7.28
CA ASP A 249 -3.04 -14.71 8.19
C ASP A 249 -2.79 -13.76 9.35
N TYR A 250 -3.82 -13.57 10.17
CA TYR A 250 -3.71 -12.74 11.37
C TYR A 250 -4.49 -13.39 12.50
N SER A 251 -3.91 -13.43 13.69
CA SER A 251 -4.62 -13.93 14.85
C SER A 251 -5.68 -12.91 15.26
N ALA A 252 -6.68 -13.35 16.02
CA ALA A 252 -7.74 -12.47 16.48
C ALA A 252 -7.17 -11.35 17.34
N GLU A 253 -6.18 -11.68 18.17
CA GLU A 253 -5.54 -10.69 19.03
C GLU A 253 -4.75 -9.66 18.22
N ASP A 254 -3.93 -10.14 17.28
CA ASP A 254 -3.15 -9.25 16.44
C ASP A 254 -4.03 -8.40 15.53
N ALA A 255 -5.13 -9.00 15.06
CA ALA A 255 -6.09 -8.29 14.24
C ALA A 255 -6.73 -7.16 15.05
N LYS A 256 -7.02 -7.45 16.32
CA LYS A 256 -7.60 -6.46 17.22
C LYS A 256 -6.66 -5.28 17.44
N GLU A 257 -5.38 -5.58 17.70
CA GLU A 257 -4.38 -4.55 17.92
CA GLU A 257 -4.38 -4.56 17.92
C GLU A 257 -4.30 -3.62 16.72
N TRP A 258 -4.40 -4.20 15.52
CA TRP A 258 -4.32 -3.43 14.29
C TRP A 258 -5.47 -2.43 14.13
N THR A 259 -6.67 -2.86 14.52
CA THR A 259 -7.86 -2.00 14.38
C THR A 259 -7.73 -0.71 15.18
N LYS A 260 -6.84 -0.71 16.17
CA LYS A 260 -6.66 0.45 17.04
C LYS A 260 -5.55 1.38 16.54
N THR A 261 -5.03 1.09 15.34
CA THR A 261 -3.98 1.92 14.75
C THR A 261 -4.40 2.46 13.39
N VAL A 262 -5.36 1.79 12.75
CA VAL A 262 -5.77 2.15 11.41
C VAL A 262 -6.93 3.13 11.38
N GLU A 263 -6.88 4.07 10.44
CA GLU A 263 -7.98 5.00 10.21
C GLU A 263 -8.26 5.13 8.71
N PHE A 264 -9.28 4.42 8.24
CA PHE A 264 -9.69 4.53 6.85
C PHE A 264 -10.28 5.91 6.59
N ASN A 265 -10.19 6.38 5.35
CA ASN A 265 -10.73 7.68 4.98
C ASN A 265 -12.25 7.67 4.91
N SER A 266 -12.90 8.01 6.03
CA SER A 266 -14.36 8.03 6.08
C SER A 266 -14.92 9.15 5.21
N ARG A 267 -14.05 10.06 4.79
CA ARG A 267 -14.46 11.21 3.98
C ARG A 267 -14.17 10.97 2.51
N ILE A 268 -13.73 9.76 2.18
CA ILE A 268 -13.38 9.43 0.80
C ILE A 268 -14.53 9.71 -0.17
N GLY A 269 -14.27 10.56 -1.16
CA GLY A 269 -15.28 10.92 -2.14
C GLY A 269 -16.07 12.16 -1.75
N LYS A 270 -16.02 12.51 -0.47
CA LYS A 270 -16.75 13.67 0.04
C LYS A 270 -15.87 14.92 0.00
N THR A 271 -14.56 14.71 0.13
CA THR A 271 -13.61 15.82 0.11
C THR A 271 -12.33 15.40 -0.60
N PRO A 272 -11.68 16.34 -1.32
CA PRO A 272 -10.45 16.06 -2.04
C PRO A 272 -9.37 15.51 -1.10
N LEU A 273 -8.46 14.71 -1.64
CA LEU A 273 -7.37 14.14 -0.84
C LEU A 273 -6.49 15.24 -0.27
N ASP A 274 -5.83 14.94 0.84
CA ASP A 274 -4.93 15.90 1.47
C ASP A 274 -3.62 16.01 0.70
N TRP A 275 -3.47 17.10 -0.05
CA TRP A 275 -2.32 17.30 -0.91
C TRP A 275 -1.00 17.25 -0.13
N ASP A 276 -1.00 17.82 1.07
CA ASP A 276 0.22 17.90 1.88
C ASP A 276 0.78 16.53 2.24
N THR A 277 -0.10 15.59 2.58
CA THR A 277 0.32 14.28 3.05
C THR A 277 0.51 13.27 1.93
N ILE A 278 -0.34 13.35 0.90
CA ILE A 278 -0.29 12.41 -0.22
C ILE A 278 0.81 12.78 -1.23
N VAL A 279 0.96 14.07 -1.48
CA VAL A 279 1.91 14.54 -2.48
C VAL A 279 3.18 15.15 -1.88
N VAL A 280 3.02 16.24 -1.14
CA VAL A 280 4.14 17.00 -0.61
C VAL A 280 5.12 16.14 0.20
N LYS A 281 4.64 15.57 1.29
CA LYS A 281 5.47 14.75 2.17
C LYS A 281 6.09 13.57 1.42
N THR A 282 5.32 12.95 0.53
CA THR A 282 5.79 11.79 -0.21
C THR A 282 6.97 12.13 -1.11
N LYS A 283 6.82 13.19 -1.90
CA LYS A 283 7.86 13.60 -2.84
C LYS A 283 9.10 14.12 -2.12
N ASP A 284 8.89 14.92 -1.09
CA ASP A 284 9.99 15.52 -0.34
C ASP A 284 10.81 14.46 0.41
N THR A 285 10.13 13.42 0.89
CA THR A 285 10.81 12.35 1.61
C THR A 285 11.60 11.47 0.66
N LEU A 286 10.98 11.06 -0.44
CA LEU A 286 11.63 10.21 -1.43
C LEU A 286 12.80 10.93 -2.10
N LYS A 287 12.57 12.18 -2.49
CA LYS A 287 13.62 13.00 -3.11
C LYS A 287 14.81 13.13 -2.18
N LEU A 288 14.53 13.39 -0.90
CA LEU A 288 15.58 13.59 0.09
C LEU A 288 16.26 12.28 0.43
N ALA A 289 15.56 11.17 0.23
CA ALA A 289 16.08 9.84 0.56
C ALA A 289 16.89 9.26 -0.60
N GLY A 290 16.77 9.86 -1.77
CA GLY A 290 17.52 9.42 -2.94
C GLY A 290 16.75 8.50 -3.86
N VAL A 291 15.52 8.19 -3.49
CA VAL A 291 14.67 7.31 -4.31
C VAL A 291 14.34 7.97 -5.64
N LEU A 292 14.00 9.25 -5.60
CA LEU A 292 13.68 10.01 -6.81
C LEU A 292 14.82 10.93 -7.21
N ALA A 293 15.22 10.86 -8.47
CA ALA A 293 16.32 11.67 -8.97
C ALA A 293 15.81 12.87 -9.78
N GLU A 294 14.57 12.78 -10.24
CA GLU A 294 13.96 13.86 -11.01
C GLU A 294 13.90 15.15 -10.19
N SER A 295 14.06 16.28 -10.86
CA SER A 295 14.03 17.57 -10.18
C SER A 295 12.66 17.84 -9.57
N ASP A 296 12.60 18.79 -8.64
CA ASP A 296 11.37 19.08 -7.92
C ASP A 296 10.24 19.54 -8.84
N ASP A 297 10.51 20.57 -9.65
CA ASP A 297 9.47 21.14 -10.51
C ASP A 297 9.02 20.19 -11.62
N VAL A 298 9.86 19.21 -11.94
CA VAL A 298 9.49 18.17 -12.90
C VAL A 298 8.55 17.17 -12.22
N ILE A 299 8.86 16.84 -10.97
CA ILE A 299 8.00 15.97 -10.17
C ILE A 299 6.66 16.68 -9.90
N LEU A 300 6.73 17.95 -9.53
CA LEU A 300 5.55 18.74 -9.24
C LEU A 300 4.58 18.79 -10.41
N LYS A 301 5.12 19.12 -11.58
CA LYS A 301 4.31 19.27 -12.79
C LYS A 301 3.64 17.95 -13.17
N ARG A 302 4.33 16.84 -12.92
CA ARG A 302 3.78 15.53 -13.25
C ARG A 302 2.68 15.12 -12.27
N LEU A 303 2.84 15.48 -11.02
CA LEU A 303 1.87 15.15 -9.97
C LEU A 303 0.65 16.08 -10.04
N ASN A 304 0.89 17.34 -10.40
CA ASN A 304 -0.19 18.32 -10.51
C ASN A 304 -1.19 17.97 -11.61
N SER A 305 -0.80 17.09 -12.51
CA SER A 305 -1.65 16.71 -13.64
C SER A 305 -2.34 15.37 -13.42
N ASN A 306 -1.77 14.54 -12.56
CA ASN A 306 -2.28 13.19 -12.35
C ASN A 306 -2.75 12.90 -10.92
N VAL A 307 -2.70 13.91 -10.06
CA VAL A 307 -3.21 13.76 -8.70
C VAL A 307 -4.41 14.66 -8.47
N LYS A 308 -5.57 14.06 -8.22
CA LYS A 308 -6.83 14.80 -8.08
C LYS A 308 -6.81 15.79 -6.92
N LYS A 309 -7.33 16.99 -7.18
CA LYS A 309 -7.53 17.98 -6.12
C LYS A 309 -9.02 18.26 -5.96
N THR A 310 -9.83 17.46 -6.63
CA THR A 310 -11.28 17.56 -6.53
C THR A 310 -11.90 16.18 -6.48
N ASN A 311 -13.21 16.12 -6.23
CA ASN A 311 -13.93 14.86 -6.25
C ASN A 311 -14.67 14.66 -7.56
N LEU A 312 -14.91 13.41 -7.91
CA LEU A 312 -15.61 13.08 -9.14
C LEU A 312 -17.07 13.55 -9.10
N GLN A 313 -17.59 13.92 -10.27
CA GLN A 313 -18.95 14.47 -10.36
C GLN A 313 -19.69 13.94 -11.59
N LEU A 314 -20.97 13.62 -11.41
CA LEU A 314 -21.81 13.18 -12.51
C LEU A 314 -22.20 14.37 -13.37
N ASP A 315 -22.60 14.09 -14.61
CA ASP A 315 -23.00 15.14 -15.53
C ASP A 315 -24.28 15.81 -15.07
N GLY A 316 -24.38 17.11 -15.30
CA GLY A 316 -25.60 17.84 -15.01
C GLY A 316 -26.72 17.43 -15.95
N ASP A 317 -27.97 17.60 -15.50
CA ASP A 317 -29.13 17.21 -16.30
C ASP A 317 -29.15 17.87 -17.67
N LEU A 318 -28.63 19.09 -17.76
CA LEU A 318 -28.63 19.82 -19.02
C LEU A 318 -27.27 19.71 -19.71
N GLU A 319 -26.61 18.57 -19.51
CA GLU A 319 -25.30 18.32 -20.09
C GLU A 319 -24.22 19.20 -19.46
C1 GOL B . -0.39 -0.69 10.24
O1 GOL B . 0.99 -0.81 9.91
C2 GOL B . -0.69 0.75 10.62
O2 GOL B . -2.07 0.87 10.95
C3 GOL B . 0.17 1.13 11.85
O3 GOL B . -0.10 2.48 12.19
CA CA C . -4.32 1.90 -23.19
CA CA D . 5.88 10.52 -19.89
#